data_1PGN
#
_entry.id   1PGN
#
_cell.length_a   72.740
_cell.length_b   148.400
_cell.length_c   102.350
_cell.angle_alpha   90.00
_cell.angle_beta   90.00
_cell.angle_gamma   90.00
#
_symmetry.space_group_name_H-M   'C 2 2 21'
#
loop_
_entity.id
_entity.type
_entity.pdbx_description
1 polymer '6-PHOSPHOGLUCONATE DEHYDROGENASE'
2 non-polymer 'SULFATE ION'
3 non-polymer 'NICOTINAMIDE 8-BROMO-ADENINE DINUCLEOTIDE PHOSPHATE'
4 non-polymer 'PYROPHOSPHATE 2-'
5 water water
#
_entity_poly.entity_id   1
_entity_poly.type   'polypeptide(L)'
_entity_poly.pdbx_seq_one_letter_code
;AQADIALIGLAVMGQNLILNMNDHGFVVCAFNRTVSKVDDFLANEAKGTKVLGAHSLEEMVSKLKKPRRIILLVKAGQAV
DNFIEKLVPLLDIGDIIIDGGNSEYRDTMRRCRDLKDKGILFVGSGVSGGEDGARYGPSLMPGGNKEAWPHIKAIFQGIA
AKVGTGEPCCDWVGDDGAGHFVKMVHNGIEYGDMQLICEAYHLMKDVLGLGHKEMAKAFEEWNKTELDSFLIEITASILK
FQDADGKHLLPKIRDSAGQKGTGKWTAISALEYGVPVTLIGEAVFARCLSSLKDERIQASKKLKGPQNIPFEGDKKSFLE
DIRKALYASKIISYAQGFMLLRQAATEFGWTLNYGGIALMWRGGCIIRSVFLGKIKDAFDRNPGLQNLLLDDFFKSAVEN
CQDSWRRAISTGVQAGIPMPCFTTALSFYDGYRHAMLPANLIQAQRDYFGAHTYELLAKPGQFIHTNWTGHGGSVSSSSY
NA
;
_entity_poly.pdbx_strand_id   A
#
loop_
_chem_comp.id
_chem_comp.type
_chem_comp.name
_chem_comp.formula
NBP non-polymer 'NICOTINAMIDE 8-BROMO-ADENINE DINUCLEOTIDE PHOSPHATE' 'C21 H27 Br N7 O17 P3'
POP non-polymer 'PYROPHOSPHATE 2-' 'H2 O7 P2 -2'
SO4 non-polymer 'SULFATE ION' 'O4 S -2'
#
# COMPACT_ATOMS: atom_id res chain seq x y z
N ALA A 1 9.92 27.79 26.17
CA ALA A 1 9.60 26.38 25.86
C ALA A 1 8.09 26.35 26.07
N GLN A 2 7.32 26.34 24.97
CA GLN A 2 5.86 26.31 25.04
C GLN A 2 5.28 25.30 24.05
N ALA A 3 5.92 25.15 22.90
CA ALA A 3 5.43 24.22 21.88
C ALA A 3 5.81 22.81 22.34
N ASP A 4 4.85 21.89 22.31
CA ASP A 4 5.12 20.47 22.58
C ASP A 4 5.86 19.79 21.41
N ILE A 5 5.69 20.33 20.19
CA ILE A 5 6.25 19.75 18.97
C ILE A 5 6.21 20.80 17.86
N ALA A 6 7.02 20.60 16.83
CA ALA A 6 7.03 21.47 15.66
C ALA A 6 6.72 20.65 14.42
N LEU A 7 6.24 21.27 13.35
CA LEU A 7 5.98 20.59 12.09
C LEU A 7 6.55 21.52 11.04
N ILE A 8 7.36 20.99 10.16
CA ILE A 8 7.98 21.74 9.09
C ILE A 8 7.42 21.10 7.84
N GLY A 9 6.72 21.93 7.05
CA GLY A 9 6.10 21.55 5.80
C GLY A 9 4.64 21.97 5.84
N LEU A 10 4.31 23.07 5.14
CA LEU A 10 2.95 23.58 5.18
C LEU A 10 2.17 23.47 3.89
N ALA A 11 2.35 22.35 3.19
CA ALA A 11 1.43 21.92 2.14
C ALA A 11 0.13 21.53 2.88
N VAL A 12 -0.99 21.27 2.21
CA VAL A 12 -2.26 21.00 2.91
C VAL A 12 -2.15 19.91 3.93
N MET A 13 -1.43 18.85 3.56
CA MET A 13 -1.14 17.75 4.47
C MET A 13 -0.61 18.20 5.85
N GLY A 14 0.43 19.04 5.86
CA GLY A 14 1.09 19.49 7.08
C GLY A 14 0.20 20.33 7.93
N GLN A 15 -0.44 21.17 7.16
CA GLN A 15 -1.38 22.17 7.62
C GLN A 15 -2.49 21.46 8.39
N ASN A 16 -3.09 20.46 7.79
CA ASN A 16 -4.20 19.71 8.39
C ASN A 16 -3.79 18.91 9.61
N LEU A 17 -2.59 18.35 9.53
CA LEU A 17 -2.03 17.58 10.63
C LEU A 17 -1.84 18.52 11.81
N ILE A 18 -1.31 19.71 11.56
CA ILE A 18 -1.09 20.69 12.63
C ILE A 18 -2.40 21.00 13.30
N LEU A 19 -3.44 21.30 12.53
CA LEU A 19 -4.77 21.56 13.04
C LEU A 19 -5.31 20.39 13.86
N ASN A 20 -5.23 19.19 13.32
CA ASN A 20 -5.67 17.96 13.98
C ASN A 20 -4.98 17.84 15.34
N MET A 21 -3.69 18.14 15.41
CA MET A 21 -2.95 18.07 16.67
C MET A 21 -3.53 19.12 17.61
N ASN A 22 -3.68 20.33 17.08
CA ASN A 22 -4.22 21.47 17.81
C ASN A 22 -5.55 21.09 18.47
N ASP A 23 -6.50 20.47 17.76
CA ASP A 23 -7.78 20.06 18.34
C ASP A 23 -7.60 19.08 19.48
N HIS A 24 -6.50 18.34 19.48
CA HIS A 24 -6.26 17.41 20.57
C HIS A 24 -5.48 18.06 21.71
N GLY A 25 -5.13 19.33 21.54
CA GLY A 25 -4.59 20.10 22.66
C GLY A 25 -3.15 19.87 23.00
N PHE A 26 -2.42 20.20 21.95
CA PHE A 26 -0.97 20.11 21.83
C PHE A 26 -0.66 21.43 21.18
N VAL A 27 0.29 22.18 21.71
CA VAL A 27 0.65 23.44 21.11
C VAL A 27 1.70 23.10 20.06
N VAL A 28 1.46 23.37 18.79
CA VAL A 28 2.44 23.10 17.75
C VAL A 28 3.02 24.46 17.38
N CYS A 29 4.26 24.54 16.91
CA CYS A 29 4.88 25.76 16.42
C CYS A 29 5.15 25.34 14.99
N ALA A 30 4.68 26.04 13.96
CA ALA A 30 4.90 25.60 12.59
C ALA A 30 6.09 26.31 12.03
N PHE A 31 6.65 25.76 10.97
CA PHE A 31 7.76 26.37 10.27
C PHE A 31 7.69 25.87 8.83
N ASN A 32 8.32 26.51 7.87
CA ASN A 32 8.32 26.10 6.47
C ASN A 32 9.49 26.89 5.86
N ARG A 33 10.19 26.45 4.80
CA ARG A 33 11.36 27.22 4.35
C ARG A 33 10.98 28.48 3.57
N THR A 34 9.88 28.55 2.81
CA THR A 34 9.41 29.83 2.30
C THR A 34 8.58 30.30 3.49
N VAL A 35 9.19 31.17 4.27
CA VAL A 35 8.65 31.57 5.56
C VAL A 35 7.37 32.39 5.53
N SER A 36 7.05 33.04 4.42
CA SER A 36 5.82 33.83 4.30
C SER A 36 4.56 33.02 4.59
N LYS A 37 4.62 31.77 4.15
CA LYS A 37 3.54 30.82 4.35
C LYS A 37 3.21 30.59 5.82
N VAL A 38 4.14 30.84 6.74
CA VAL A 38 3.89 30.68 8.17
C VAL A 38 2.89 31.77 8.57
N ASP A 39 3.01 32.93 7.96
CA ASP A 39 2.14 34.06 8.28
C ASP A 39 0.78 33.79 7.66
N ASP A 40 0.82 33.54 6.36
CA ASP A 40 -0.32 33.18 5.54
C ASP A 40 -1.19 32.18 6.33
N PHE A 41 -0.61 31.10 6.85
CA PHE A 41 -1.35 30.10 7.60
C PHE A 41 -1.88 30.62 8.91
N LEU A 42 -1.13 31.41 9.68
CA LEU A 42 -1.56 31.92 11.00
C LEU A 42 -2.71 32.91 11.02
N ALA A 43 -2.73 33.61 9.90
CA ALA A 43 -3.74 34.59 9.59
C ALA A 43 -5.00 33.86 9.12
N ASN A 44 -4.82 32.95 8.15
CA ASN A 44 -5.95 32.28 7.55
C ASN A 44 -6.36 30.99 8.24
N GLU A 45 -6.00 29.82 7.72
CA GLU A 45 -6.44 28.54 8.26
C GLU A 45 -6.28 28.35 9.75
N ALA A 46 -5.22 28.86 10.33
CA ALA A 46 -4.98 28.63 11.74
C ALA A 46 -5.48 29.71 12.69
N LYS A 47 -6.09 30.81 12.24
CA LYS A 47 -6.49 31.85 13.18
C LYS A 47 -7.49 31.26 14.16
N GLY A 48 -7.29 31.63 15.41
CA GLY A 48 -8.17 31.22 16.48
C GLY A 48 -7.63 30.06 17.26
N THR A 49 -6.60 29.41 16.72
CA THR A 49 -6.02 28.25 17.38
C THR A 49 -4.98 28.61 18.46
N LYS A 50 -4.33 27.57 18.96
CA LYS A 50 -3.24 27.66 19.89
C LYS A 50 -1.92 27.59 19.13
N VAL A 51 -1.86 27.45 17.79
CA VAL A 51 -0.57 27.22 17.13
C VAL A 51 0.28 28.50 17.08
N LEU A 52 1.56 28.27 17.39
CA LEU A 52 2.60 29.32 17.37
C LEU A 52 3.27 29.25 16.01
N GLY A 53 3.94 30.31 15.56
CA GLY A 53 4.61 30.33 14.28
C GLY A 53 6.07 30.61 14.53
N ALA A 54 6.96 30.20 13.63
CA ALA A 54 8.38 30.39 13.83
C ALA A 54 8.94 31.00 12.56
N HIS A 55 9.93 31.86 12.67
CA HIS A 55 10.48 32.47 11.47
C HIS A 55 11.90 32.03 11.17
N SER A 56 12.50 31.37 12.15
CA SER A 56 13.82 30.81 12.00
C SER A 56 13.76 29.46 12.65
N LEU A 57 14.56 28.54 12.11
CA LEU A 57 14.71 27.20 12.68
C LEU A 57 15.14 27.38 14.13
N GLU A 58 16.15 28.23 14.39
CA GLU A 58 16.62 28.49 15.77
C GLU A 58 15.52 29.10 16.61
N GLU A 59 14.58 29.81 16.00
CA GLU A 59 13.45 30.32 16.74
C GLU A 59 12.55 29.14 17.14
N MET A 60 12.28 28.27 16.15
CA MET A 60 11.44 27.09 16.29
C MET A 60 12.02 26.21 17.39
N VAL A 61 13.35 26.09 17.31
CA VAL A 61 14.16 25.29 18.22
C VAL A 61 13.97 25.87 19.63
N SER A 62 14.26 27.14 19.89
CA SER A 62 14.03 27.71 21.22
C SER A 62 12.58 27.58 21.68
N LYS A 63 11.58 27.52 20.78
CA LYS A 63 10.18 27.36 21.19
C LYS A 63 9.88 26.07 21.92
N LEU A 64 10.63 25.03 21.60
CA LEU A 64 10.33 23.67 22.05
C LEU A 64 10.54 23.24 23.48
N LYS A 65 9.56 22.50 23.99
CA LYS A 65 9.69 21.89 25.31
C LYS A 65 10.62 20.68 25.06
N LYS A 66 11.37 20.22 26.07
CA LYS A 66 12.29 19.10 25.89
C LYS A 66 11.64 17.79 26.32
N PRO A 67 11.85 16.62 25.69
CA PRO A 67 12.71 16.41 24.49
C PRO A 67 12.12 17.13 23.30
N ARG A 68 12.97 17.80 22.55
CA ARG A 68 12.47 18.53 21.39
C ARG A 68 12.07 17.48 20.36
N ARG A 69 10.93 17.69 19.75
CA ARG A 69 10.42 16.83 18.70
C ARG A 69 9.85 17.66 17.57
N ILE A 70 10.42 17.49 16.38
CA ILE A 70 9.95 18.21 15.22
C ILE A 70 9.71 17.18 14.11
N ILE A 71 8.69 17.46 13.32
CA ILE A 71 8.24 16.60 12.24
C ILE A 71 8.62 17.23 10.91
N LEU A 72 9.09 16.44 9.95
CA LEU A 72 9.36 16.88 8.60
C LEU A 72 8.25 16.31 7.73
N LEU A 73 7.54 17.15 6.99
CA LEU A 73 6.53 16.79 6.01
C LEU A 73 6.94 17.60 4.81
N VAL A 74 7.99 17.11 4.22
CA VAL A 74 8.66 17.73 3.09
C VAL A 74 8.75 16.59 2.08
N LYS A 75 8.72 16.84 0.77
CA LYS A 75 8.80 15.69 -0.14
C LYS A 75 10.26 15.30 -0.21
N ALA A 76 10.28 13.97 -0.24
CA ALA A 76 11.42 13.08 -0.23
C ALA A 76 12.69 13.39 -0.99
N GLY A 77 13.73 12.77 -0.43
CA GLY A 77 15.04 12.85 -1.02
C GLY A 77 15.86 13.91 -0.34
N GLN A 78 16.67 14.52 -1.19
CA GLN A 78 17.63 15.56 -0.82
C GLN A 78 17.18 16.49 0.30
N ALA A 79 15.96 16.98 0.12
CA ALA A 79 15.32 17.95 1.00
C ALA A 79 15.36 17.56 2.47
N VAL A 80 15.03 16.31 2.75
CA VAL A 80 14.97 15.79 4.12
C VAL A 80 16.37 15.80 4.72
N ASP A 81 17.42 15.45 3.94
CA ASP A 81 18.79 15.45 4.46
C ASP A 81 19.19 16.85 4.86
N ASN A 82 18.89 17.79 3.96
CA ASN A 82 19.20 19.19 4.16
C ASN A 82 18.52 19.76 5.39
N PHE A 83 17.26 19.46 5.60
CA PHE A 83 16.66 19.89 6.85
C PHE A 83 17.39 19.29 8.05
N ILE A 84 17.73 18.01 7.91
CA ILE A 84 18.40 17.27 8.98
C ILE A 84 19.75 17.91 9.28
N GLU A 85 20.45 18.28 8.21
CA GLU A 85 21.79 18.82 8.33
C GLU A 85 21.73 20.03 9.25
N LYS A 86 20.79 20.92 8.93
CA LYS A 86 20.65 22.15 9.67
C LYS A 86 20.21 21.90 11.11
N LEU A 87 19.26 21.01 11.33
CA LEU A 87 18.75 20.78 12.68
C LEU A 87 19.76 20.24 13.67
N VAL A 88 20.76 19.47 13.23
CA VAL A 88 21.71 18.82 14.14
C VAL A 88 22.54 19.81 14.96
N PRO A 89 23.27 20.83 14.44
CA PRO A 89 23.95 21.86 15.23
C PRO A 89 23.12 22.41 16.39
N LEU A 90 21.83 22.51 16.10
CA LEU A 90 20.91 23.18 17.01
C LEU A 90 20.24 22.29 18.03
N LEU A 91 20.42 20.98 17.91
CA LEU A 91 19.74 20.10 18.81
C LEU A 91 20.69 19.52 19.84
N ASP A 92 20.08 19.16 20.96
CA ASP A 92 20.75 18.51 22.07
C ASP A 92 20.60 16.99 21.89
N ILE A 93 21.23 16.26 22.81
CA ILE A 93 21.15 14.81 22.87
C ILE A 93 19.82 14.49 23.55
N GLY A 94 19.12 13.52 22.97
CA GLY A 94 17.81 13.12 23.48
C GLY A 94 16.66 13.69 22.68
N ASP A 95 16.97 14.61 21.77
CA ASP A 95 16.03 15.25 20.87
C ASP A 95 15.71 14.32 19.71
N ILE A 96 14.53 14.63 19.15
CA ILE A 96 13.76 13.80 18.24
C ILE A 96 13.34 14.51 16.93
N ILE A 97 13.62 13.91 15.80
CA ILE A 97 13.31 14.41 14.48
C ILE A 97 12.42 13.31 13.93
N ILE A 98 11.32 13.62 13.25
CA ILE A 98 10.40 12.63 12.72
C ILE A 98 10.30 12.90 11.23
N ASP A 99 10.26 11.87 10.44
CA ASP A 99 10.11 12.03 9.01
C ASP A 99 8.83 11.35 8.61
N GLY A 100 7.86 12.19 8.28
CA GLY A 100 6.55 11.79 7.84
C GLY A 100 6.44 11.65 6.32
N GLY A 101 7.40 12.13 5.53
CA GLY A 101 7.34 11.96 4.08
C GLY A 101 7.48 10.51 3.65
N ASN A 102 7.16 10.22 2.40
CA ASN A 102 7.25 8.88 1.83
C ASN A 102 8.69 8.64 1.41
N SER A 103 9.55 8.45 2.38
CA SER A 103 10.96 8.21 2.12
C SER A 103 11.27 6.74 1.84
N GLU A 104 12.29 6.52 1.01
CA GLU A 104 12.87 5.22 0.67
C GLU A 104 13.33 4.62 2.00
N TYR A 105 12.93 3.39 2.34
CA TYR A 105 13.30 2.80 3.63
C TYR A 105 14.80 2.72 3.84
N ARG A 106 15.65 2.60 2.81
CA ARG A 106 17.10 2.56 2.98
C ARG A 106 17.66 3.90 3.46
N ASP A 107 17.01 5.00 3.07
CA ASP A 107 17.40 6.33 3.52
C ASP A 107 17.03 6.49 4.99
N THR A 108 15.87 6.00 5.37
CA THR A 108 15.45 6.08 6.77
C THR A 108 16.42 5.29 7.66
N MET A 109 16.86 4.12 7.17
CA MET A 109 17.83 3.24 7.83
C MET A 109 19.13 4.02 8.01
N ARG A 110 19.72 4.52 6.92
CA ARG A 110 20.90 5.39 6.96
C ARG A 110 20.81 6.51 8.00
N ARG A 111 19.86 7.43 7.79
CA ARG A 111 19.63 8.58 8.66
C ARG A 111 19.44 8.16 10.10
N CYS A 112 18.64 7.15 10.37
CA CYS A 112 18.38 6.73 11.75
C CYS A 112 19.66 6.37 12.52
N ARG A 113 20.56 5.67 11.83
CA ARG A 113 21.83 5.16 12.38
C ARG A 113 22.84 6.28 12.65
N ASP A 114 23.08 6.98 11.55
CA ASP A 114 23.96 8.16 11.49
C ASP A 114 23.62 9.10 12.66
N LEU A 115 22.35 9.43 12.80
CA LEU A 115 21.88 10.28 13.88
C LEU A 115 22.05 9.67 15.27
N LYS A 116 21.92 8.35 15.38
CA LYS A 116 22.03 7.70 16.68
C LYS A 116 23.45 7.91 17.19
N ASP A 117 24.46 7.87 16.31
CA ASP A 117 25.80 8.11 16.80
C ASP A 117 25.93 9.61 17.13
N LYS A 118 25.15 10.49 16.50
CA LYS A 118 25.13 11.88 16.91
C LYS A 118 24.22 12.11 18.13
N GLY A 119 23.58 11.10 18.69
CA GLY A 119 22.78 11.26 19.89
C GLY A 119 21.35 11.74 19.69
N ILE A 120 20.85 11.81 18.45
CA ILE A 120 19.47 12.26 18.14
C ILE A 120 18.62 11.04 17.76
N LEU A 121 17.44 10.96 18.39
CA LEU A 121 16.46 9.90 18.18
C LEU A 121 15.71 10.22 16.87
N PHE A 122 15.72 9.34 15.87
CA PHE A 122 15.07 9.62 14.58
C PHE A 122 13.96 8.61 14.33
N VAL A 123 12.81 9.04 13.84
CA VAL A 123 11.75 8.09 13.49
C VAL A 123 11.23 8.40 12.09
N GLY A 124 10.90 7.35 11.32
CA GLY A 124 10.27 7.47 10.02
C GLY A 124 8.83 6.98 10.15
N SER A 125 7.82 7.82 9.96
CA SER A 125 6.41 7.43 10.04
C SER A 125 5.87 7.51 8.63
N GLY A 126 5.11 6.50 8.31
CA GLY A 126 4.33 6.57 7.09
C GLY A 126 3.06 7.29 7.51
N VAL A 127 2.53 8.16 6.66
CA VAL A 127 1.26 8.83 6.98
C VAL A 127 0.28 8.43 5.88
N SER A 128 -0.97 8.09 6.18
CA SER A 128 -1.90 7.76 5.13
C SER A 128 -3.23 8.34 5.53
N GLY A 129 -3.99 8.50 4.45
CA GLY A 129 -5.32 9.08 4.51
C GLY A 129 -5.52 10.21 3.52
N GLY A 130 -4.46 10.95 3.18
CA GLY A 130 -4.59 12.12 2.33
C GLY A 130 -5.03 13.28 3.21
N GLU A 131 -5.47 14.37 2.58
CA GLU A 131 -5.87 15.62 3.23
C GLU A 131 -6.94 15.39 4.27
N ASP A 132 -8.01 14.75 3.80
CA ASP A 132 -9.19 14.39 4.58
C ASP A 132 -8.76 13.80 5.91
N GLY A 133 -7.98 12.74 5.74
CA GLY A 133 -7.45 11.96 6.84
C GLY A 133 -6.53 12.78 7.70
N ALA A 134 -5.58 13.53 7.12
CA ALA A 134 -4.63 14.30 7.91
C ALA A 134 -5.37 15.28 8.86
N ARG A 135 -6.52 15.78 8.42
CA ARG A 135 -7.33 16.66 9.23
C ARG A 135 -8.04 15.93 10.35
N TYR A 136 -8.78 14.85 10.14
CA TYR A 136 -9.44 14.18 11.27
C TYR A 136 -8.77 12.93 11.86
N GLY A 137 -8.07 12.13 11.09
CA GLY A 137 -7.46 10.98 11.65
C GLY A 137 -6.83 10.15 10.57
N PRO A 138 -5.52 10.32 10.42
CA PRO A 138 -4.71 9.52 9.51
C PRO A 138 -4.28 8.20 10.15
N SER A 139 -3.69 7.29 9.38
CA SER A 139 -3.06 6.16 10.04
C SER A 139 -1.58 6.51 9.85
N LEU A 140 -0.93 6.21 10.97
CA LEU A 140 0.45 6.56 11.18
C LEU A 140 1.21 5.30 11.56
N MET A 141 2.20 5.02 10.73
CA MET A 141 3.01 3.82 10.88
C MET A 141 4.42 4.26 11.25
N PRO A 142 4.79 4.45 12.53
CA PRO A 142 6.13 4.85 12.95
C PRO A 142 7.14 3.75 13.29
N GLY A 143 8.29 3.89 12.68
CA GLY A 143 9.39 3.00 12.91
C GLY A 143 10.64 3.81 13.11
N GLY A 144 11.73 3.20 13.56
CA GLY A 144 13.03 3.85 13.71
C GLY A 144 13.61 3.58 15.08
N ASN A 145 14.26 4.58 15.66
CA ASN A 145 14.84 4.46 17.00
C ASN A 145 13.78 4.43 18.11
N LYS A 146 13.59 3.27 18.72
CA LYS A 146 12.58 3.03 19.73
C LYS A 146 12.58 4.00 20.89
N GLU A 147 13.70 4.57 21.32
CA GLU A 147 13.70 5.47 22.47
C GLU A 147 12.69 6.63 22.40
N ALA A 148 12.50 7.08 21.16
CA ALA A 148 11.64 8.20 20.82
C ALA A 148 10.19 7.95 21.17
N TRP A 149 9.76 6.71 20.93
CA TRP A 149 8.37 6.33 21.01
C TRP A 149 7.65 6.94 22.20
N PRO A 150 8.02 6.75 23.48
CA PRO A 150 7.20 7.17 24.62
C PRO A 150 6.98 8.68 24.62
N HIS A 151 7.94 9.39 24.05
CA HIS A 151 7.83 10.84 23.98
C HIS A 151 6.80 11.22 22.94
N ILE A 152 6.65 10.52 21.82
CA ILE A 152 5.64 10.98 20.86
C ILE A 152 4.31 10.26 20.94
N LYS A 153 4.34 9.14 21.67
CA LYS A 153 3.25 8.20 21.77
C LYS A 153 1.88 8.87 21.86
N ALA A 154 1.66 9.67 22.90
CA ALA A 154 0.37 10.27 23.21
C ALA A 154 -0.11 11.23 22.12
N ILE A 155 0.84 11.79 21.40
CA ILE A 155 0.54 12.71 20.33
C ILE A 155 0.08 11.82 19.20
N PHE A 156 0.96 10.94 18.70
CA PHE A 156 0.68 10.12 17.55
C PHE A 156 -0.62 9.36 17.67
N GLN A 157 -0.77 8.76 18.81
CA GLN A 157 -1.95 7.96 19.10
C GLN A 157 -3.18 8.83 19.20
N GLY A 158 -3.01 10.03 19.76
CA GLY A 158 -4.15 10.92 19.94
C GLY A 158 -4.68 11.50 18.65
N ILE A 159 -3.83 11.78 17.69
CA ILE A 159 -4.30 12.38 16.46
C ILE A 159 -4.69 11.33 15.43
N ALA A 160 -4.39 10.05 15.65
CA ALA A 160 -4.69 9.01 14.66
C ALA A 160 -6.18 8.70 14.61
N ALA A 161 -6.53 8.03 13.52
CA ALA A 161 -7.88 7.51 13.35
C ALA A 161 -8.01 6.38 14.38
N LYS A 162 -9.20 6.10 14.87
CA LYS A 162 -9.39 4.96 15.74
C LYS A 162 -10.60 4.20 15.25
N VAL A 163 -10.55 2.88 15.30
CA VAL A 163 -11.70 2.08 14.89
C VAL A 163 -12.49 1.79 16.15
N GLY A 164 -13.81 1.73 15.98
CA GLY A 164 -14.85 1.40 16.98
C GLY A 164 -14.48 1.02 18.40
N THR A 165 -13.48 0.17 18.62
CA THR A 165 -13.03 -0.25 19.93
C THR A 165 -12.29 0.84 20.72
N GLY A 166 -11.97 1.89 19.96
CA GLY A 166 -11.22 3.03 20.38
C GLY A 166 -9.75 2.86 20.03
N GLU A 167 -9.29 1.78 19.39
CA GLU A 167 -7.87 1.65 19.09
C GLU A 167 -7.44 2.67 18.07
N PRO A 168 -6.37 3.43 18.34
CA PRO A 168 -5.73 4.24 17.32
C PRO A 168 -5.15 3.35 16.23
N CYS A 169 -5.23 3.80 14.99
CA CYS A 169 -4.64 3.12 13.85
C CYS A 169 -3.22 3.65 13.77
N CYS A 170 -2.46 3.27 14.80
CA CYS A 170 -1.06 3.66 14.98
C CYS A 170 -0.44 2.98 16.21
N ASP A 171 0.70 2.34 16.03
CA ASP A 171 1.49 1.83 17.15
C ASP A 171 2.91 1.69 16.61
N TRP A 172 3.89 1.41 17.47
CA TRP A 172 5.28 1.32 17.05
C TRP A 172 5.41 0.09 16.18
N VAL A 173 5.87 0.35 14.98
CA VAL A 173 6.05 -0.68 13.98
C VAL A 173 7.34 -1.44 14.20
N GLY A 174 8.48 -0.79 14.42
CA GLY A 174 9.73 -1.51 14.61
C GLY A 174 10.92 -0.68 14.23
N ASP A 175 12.07 -1.31 14.17
CA ASP A 175 13.32 -0.63 13.89
C ASP A 175 13.57 -0.11 12.49
N ASP A 176 14.62 0.71 12.42
CA ASP A 176 15.18 1.29 11.19
C ASP A 176 14.08 1.87 10.25
N GLY A 177 13.81 1.24 9.09
CA GLY A 177 12.88 1.72 8.10
C GLY A 177 11.60 0.93 8.11
N ALA A 178 11.28 0.25 9.21
CA ALA A 178 10.06 -0.51 9.31
C ALA A 178 8.81 0.28 8.92
N GLY A 179 8.61 1.45 9.54
CA GLY A 179 7.41 2.27 9.32
C GLY A 179 7.29 2.67 7.88
N HIS A 180 8.41 3.07 7.30
CA HIS A 180 8.41 3.46 5.89
C HIS A 180 8.34 2.27 4.95
N PHE A 181 8.73 1.05 5.31
CA PHE A 181 8.63 -0.12 4.45
C PHE A 181 7.15 -0.49 4.42
N VAL A 182 6.54 -0.54 5.60
CA VAL A 182 5.13 -0.90 5.76
C VAL A 182 4.25 0.03 4.92
N LYS A 183 4.59 1.32 5.03
CA LYS A 183 3.91 2.33 4.24
C LYS A 183 3.96 2.03 2.74
N MET A 184 5.11 1.65 2.21
CA MET A 184 5.19 1.41 0.78
C MET A 184 4.47 0.11 0.46
N VAL A 185 4.42 -0.85 1.34
CA VAL A 185 3.65 -2.02 1.03
C VAL A 185 2.18 -1.63 1.01
N HIS A 186 1.74 -0.75 1.90
CA HIS A 186 0.36 -0.28 1.91
C HIS A 186 -0.04 0.25 0.53
N ASN A 187 0.78 1.12 0.00
CA ASN A 187 0.55 1.71 -1.30
C ASN A 187 0.60 0.68 -2.38
N GLY A 188 1.50 -0.30 -2.28
CA GLY A 188 1.61 -1.37 -3.26
C GLY A 188 0.30 -2.05 -3.32
N ILE A 189 -0.24 -2.42 -2.17
CA ILE A 189 -1.54 -3.06 -2.08
C ILE A 189 -2.66 -2.16 -2.61
N GLU A 190 -2.58 -0.86 -2.33
CA GLU A 190 -3.55 0.13 -2.78
C GLU A 190 -3.63 0.04 -4.30
N TYR A 191 -2.47 -0.07 -4.96
CA TYR A 191 -2.43 -0.21 -6.41
C TYR A 191 -3.20 -1.44 -6.86
N GLY A 192 -2.99 -2.53 -6.11
CA GLY A 192 -3.59 -3.82 -6.36
C GLY A 192 -5.10 -3.79 -6.29
N ASP A 193 -5.66 -3.17 -5.25
CA ASP A 193 -7.11 -3.09 -5.12
C ASP A 193 -7.72 -2.31 -6.25
N MET A 194 -7.04 -1.24 -6.66
CA MET A 194 -7.58 -0.40 -7.74
C MET A 194 -7.62 -1.12 -9.07
N GLN A 195 -6.56 -1.85 -9.39
CA GLN A 195 -6.52 -2.55 -10.68
C GLN A 195 -7.57 -3.65 -10.74
N LEU A 196 -7.82 -4.31 -9.63
CA LEU A 196 -8.80 -5.37 -9.58
C LEU A 196 -10.19 -4.77 -9.88
N ILE A 197 -10.50 -3.62 -9.26
CA ILE A 197 -11.78 -2.94 -9.45
C ILE A 197 -11.91 -2.55 -10.92
N CYS A 198 -10.85 -2.06 -11.55
CA CYS A 198 -10.87 -1.74 -12.97
C CYS A 198 -11.22 -2.94 -13.80
N GLU A 199 -10.70 -4.09 -13.41
CA GLU A 199 -10.94 -5.33 -14.13
C GLU A 199 -12.40 -5.77 -14.03
N ALA A 200 -12.93 -5.61 -12.80
CA ALA A 200 -14.31 -5.91 -12.47
C ALA A 200 -15.20 -5.00 -13.31
N TYR A 201 -14.79 -3.73 -13.41
CA TYR A 201 -15.47 -2.70 -14.18
C TYR A 201 -15.41 -3.03 -15.67
N HIS A 202 -14.27 -3.49 -16.13
CA HIS A 202 -14.13 -3.79 -17.55
C HIS A 202 -14.99 -4.97 -17.96
N LEU A 203 -15.27 -5.94 -17.12
CA LEU A 203 -16.11 -7.04 -17.53
C LEU A 203 -17.58 -6.58 -17.57
N MET A 204 -18.06 -5.85 -16.57
CA MET A 204 -19.42 -5.33 -16.55
C MET A 204 -19.70 -4.51 -17.79
N LYS A 205 -18.78 -3.60 -18.07
CA LYS A 205 -18.90 -2.73 -19.22
C LYS A 205 -18.89 -3.53 -20.52
N ASP A 206 -17.79 -4.12 -20.90
CA ASP A 206 -17.69 -4.79 -22.18
C ASP A 206 -18.40 -6.11 -22.37
N VAL A 207 -18.55 -6.93 -21.36
CA VAL A 207 -19.22 -8.20 -21.57
C VAL A 207 -20.70 -8.11 -21.25
N LEU A 208 -20.99 -7.58 -20.07
CA LEU A 208 -22.35 -7.49 -19.61
C LEU A 208 -23.05 -6.33 -20.25
N GLY A 209 -22.37 -5.44 -20.99
CA GLY A 209 -23.04 -4.36 -21.69
C GLY A 209 -23.81 -3.45 -20.74
N LEU A 210 -23.31 -3.36 -19.50
CA LEU A 210 -23.90 -2.51 -18.50
C LEU A 210 -23.53 -1.04 -18.72
N GLY A 211 -24.36 -0.19 -18.15
CA GLY A 211 -24.20 1.25 -18.22
C GLY A 211 -23.77 1.80 -16.88
N HIS A 212 -23.19 3.00 -16.85
CA HIS A 212 -22.58 3.47 -15.62
C HIS A 212 -23.53 3.56 -14.46
N LYS A 213 -24.82 3.76 -14.71
CA LYS A 213 -25.78 3.82 -13.62
C LYS A 213 -25.94 2.47 -12.94
N GLU A 214 -26.14 1.41 -13.74
CA GLU A 214 -26.33 0.08 -13.16
C GLU A 214 -25.00 -0.34 -12.56
N MET A 215 -23.90 0.02 -13.21
CA MET A 215 -22.57 -0.33 -12.67
C MET A 215 -22.40 0.27 -11.28
N ALA A 216 -22.74 1.53 -11.05
CA ALA A 216 -22.61 2.10 -9.70
C ALA A 216 -23.53 1.40 -8.71
N LYS A 217 -24.67 0.92 -9.22
CA LYS A 217 -25.70 0.24 -8.42
C LYS A 217 -25.09 -1.04 -7.84
N ALA A 218 -24.43 -1.73 -8.77
CA ALA A 218 -23.76 -2.98 -8.53
C ALA A 218 -22.68 -2.74 -7.49
N PHE A 219 -21.81 -1.76 -7.71
CA PHE A 219 -20.73 -1.50 -6.75
C PHE A 219 -21.23 -1.15 -5.37
N GLU A 220 -22.30 -0.35 -5.23
CA GLU A 220 -22.79 -0.01 -3.90
C GLU A 220 -23.55 -1.17 -3.28
N GLU A 221 -24.07 -2.09 -4.10
CA GLU A 221 -24.68 -3.31 -3.58
C GLU A 221 -23.52 -4.13 -2.97
N TRP A 222 -22.44 -4.36 -3.72
CA TRP A 222 -21.24 -5.05 -3.27
C TRP A 222 -20.62 -4.46 -2.01
N ASN A 223 -20.60 -3.14 -1.86
CA ASN A 223 -20.07 -2.49 -0.66
C ASN A 223 -20.88 -2.83 0.59
N LYS A 224 -21.96 -3.59 0.46
CA LYS A 224 -22.74 -4.02 1.61
C LYS A 224 -22.32 -5.42 2.03
N THR A 225 -21.43 -6.06 1.28
CA THR A 225 -21.00 -7.43 1.58
C THR A 225 -19.57 -7.37 2.15
N GLU A 226 -18.83 -8.47 2.01
CA GLU A 226 -17.44 -8.57 2.43
C GLU A 226 -16.57 -7.51 1.77
N LEU A 227 -16.93 -7.03 0.59
CA LEU A 227 -16.16 -5.98 -0.05
C LEU A 227 -16.38 -4.58 0.55
N ASP A 228 -17.07 -4.41 1.65
CA ASP A 228 -17.29 -3.11 2.28
C ASP A 228 -15.94 -2.42 2.49
N SER A 229 -15.68 -1.35 1.76
CA SER A 229 -14.40 -0.65 1.79
C SER A 229 -14.43 0.74 1.16
N PHE A 230 -13.37 1.49 1.45
CA PHE A 230 -13.30 2.85 0.97
C PHE A 230 -13.18 2.88 -0.56
N LEU A 231 -12.35 2.10 -1.21
CA LEU A 231 -12.21 2.22 -2.66
C LEU A 231 -13.42 1.70 -3.39
N ILE A 232 -14.24 0.85 -2.78
CA ILE A 232 -15.48 0.39 -3.44
C ILE A 232 -16.54 1.52 -3.30
N GLU A 233 -16.63 2.15 -2.13
CA GLU A 233 -17.52 3.26 -1.87
C GLU A 233 -17.27 4.37 -2.92
N ILE A 234 -16.04 4.87 -2.98
CA ILE A 234 -15.75 5.94 -3.89
C ILE A 234 -15.95 5.51 -5.35
N THR A 235 -15.73 4.27 -5.76
CA THR A 235 -15.99 3.90 -7.15
C THR A 235 -17.50 3.99 -7.47
N ALA A 236 -18.38 3.75 -6.49
CA ALA A 236 -19.81 3.87 -6.73
C ALA A 236 -20.10 5.33 -7.05
N SER A 237 -19.64 6.23 -6.19
CA SER A 237 -19.78 7.68 -6.38
C SER A 237 -19.19 8.12 -7.71
N ILE A 238 -18.00 7.67 -8.04
CA ILE A 238 -17.34 8.07 -9.28
C ILE A 238 -18.15 7.66 -10.50
N LEU A 239 -18.78 6.49 -10.46
CA LEU A 239 -19.48 6.05 -11.64
C LEU A 239 -20.77 6.85 -11.90
N LYS A 240 -21.47 7.27 -10.84
CA LYS A 240 -22.70 8.09 -10.97
C LYS A 240 -22.51 9.57 -11.40
N PHE A 241 -21.35 10.14 -11.12
CA PHE A 241 -20.99 11.55 -11.35
C PHE A 241 -21.21 12.06 -12.77
N GLN A 242 -22.15 13.01 -12.78
CA GLN A 242 -22.64 13.69 -13.97
C GLN A 242 -21.73 14.92 -14.08
N ASP A 243 -21.20 15.18 -15.26
CA ASP A 243 -20.39 16.37 -15.58
C ASP A 243 -21.36 17.56 -15.74
N ALA A 244 -20.83 18.78 -15.95
CA ALA A 244 -21.63 20.00 -16.21
C ALA A 244 -22.73 19.82 -17.26
N ASP A 245 -22.32 19.25 -18.38
CA ASP A 245 -23.24 18.99 -19.47
C ASP A 245 -24.20 17.82 -19.26
N GLY A 246 -24.42 17.26 -18.07
CA GLY A 246 -25.32 16.11 -17.93
C GLY A 246 -24.65 14.76 -18.15
N LYS A 247 -23.82 14.53 -19.17
CA LYS A 247 -23.11 13.26 -19.42
C LYS A 247 -22.27 12.72 -18.25
N HIS A 248 -21.94 11.44 -18.21
CA HIS A 248 -21.08 10.94 -17.14
C HIS A 248 -19.66 11.41 -17.40
N LEU A 249 -19.01 11.78 -16.32
CA LEU A 249 -17.66 12.29 -16.42
C LEU A 249 -16.63 11.21 -16.77
N LEU A 250 -16.71 10.03 -16.13
CA LEU A 250 -15.67 9.01 -16.22
C LEU A 250 -15.24 8.72 -17.64
N PRO A 251 -16.07 8.34 -18.62
CA PRO A 251 -15.55 8.01 -19.95
C PRO A 251 -14.92 9.20 -20.69
N LYS A 252 -14.87 10.37 -20.07
CA LYS A 252 -14.23 11.52 -20.69
C LYS A 252 -12.76 11.61 -20.33
N ILE A 253 -12.39 10.92 -19.24
CA ILE A 253 -11.02 10.93 -18.69
C ILE A 253 -10.05 10.09 -19.50
N ARG A 254 -8.84 10.64 -19.69
CA ARG A 254 -7.77 9.94 -20.41
C ARG A 254 -7.27 8.79 -19.50
N ASP A 255 -7.11 7.64 -20.12
CA ASP A 255 -6.67 6.37 -19.53
C ASP A 255 -5.14 6.22 -19.55
N SER A 256 -4.43 7.02 -18.78
CA SER A 256 -2.99 6.92 -18.58
C SER A 256 -2.83 7.25 -17.13
N ALA A 257 -2.68 6.16 -16.41
CA ALA A 257 -2.53 6.14 -15.00
C ALA A 257 -1.12 6.60 -14.64
N GLY A 258 -1.05 7.36 -13.58
CA GLY A 258 0.22 7.81 -13.08
C GLY A 258 0.62 6.93 -11.92
N GLN A 259 1.71 7.31 -11.30
CA GLN A 259 2.27 6.67 -10.12
C GLN A 259 3.43 7.54 -9.67
N LYS A 260 3.49 7.87 -8.39
CA LYS A 260 4.63 8.59 -7.85
C LYS A 260 5.55 7.56 -7.16
N GLY A 261 5.92 6.51 -7.90
CA GLY A 261 6.93 5.56 -7.47
C GLY A 261 6.67 4.58 -6.33
N THR A 262 5.83 4.77 -5.30
CA THR A 262 5.78 3.75 -4.24
C THR A 262 5.43 2.32 -4.64
N GLY A 263 4.43 2.13 -5.50
CA GLY A 263 3.99 0.79 -5.90
C GLY A 263 5.09 0.03 -6.60
N LYS A 264 5.79 0.77 -7.44
CA LYS A 264 6.97 0.31 -8.14
C LYS A 264 8.01 -0.21 -7.13
N TRP A 265 8.36 0.57 -6.11
CA TRP A 265 9.38 0.17 -5.13
C TRP A 265 8.99 -1.14 -4.47
N THR A 266 7.70 -1.32 -4.21
CA THR A 266 7.22 -2.55 -3.59
C THR A 266 7.60 -3.73 -4.47
N ALA A 267 7.34 -3.59 -5.76
CA ALA A 267 7.65 -4.63 -6.74
C ALA A 267 9.15 -4.82 -6.83
N ILE A 268 9.98 -3.78 -6.73
CA ILE A 268 11.45 -3.93 -6.75
C ILE A 268 11.80 -4.81 -5.53
N SER A 269 11.49 -4.39 -4.31
CA SER A 269 11.83 -5.11 -3.11
C SER A 269 11.40 -6.56 -3.16
N ALA A 270 10.24 -6.90 -3.73
CA ALA A 270 9.79 -8.29 -3.85
C ALA A 270 10.75 -9.04 -4.79
N LEU A 271 11.07 -8.47 -5.95
CA LEU A 271 12.04 -9.10 -6.83
C LEU A 271 13.37 -9.23 -6.13
N GLU A 272 13.82 -8.27 -5.32
CA GLU A 272 15.12 -8.34 -4.67
C GLU A 272 15.14 -9.42 -3.60
N TYR A 273 14.10 -9.52 -2.79
CA TYR A 273 14.10 -10.51 -1.72
C TYR A 273 13.48 -11.85 -2.11
N GLY A 274 13.19 -12.06 -3.38
CA GLY A 274 12.69 -13.32 -3.88
C GLY A 274 11.31 -13.67 -3.40
N VAL A 275 10.38 -12.74 -3.30
CA VAL A 275 9.05 -13.05 -2.81
C VAL A 275 8.12 -12.91 -4.01
N PRO A 276 7.25 -13.89 -4.31
CA PRO A 276 6.38 -13.84 -5.46
C PRO A 276 5.14 -12.94 -5.25
N VAL A 277 5.31 -11.63 -5.18
CA VAL A 277 4.16 -10.75 -4.99
C VAL A 277 3.75 -10.43 -6.44
N THR A 278 2.99 -11.31 -7.08
CA THR A 278 2.64 -11.15 -8.48
C THR A 278 1.55 -10.14 -8.79
N LEU A 279 0.63 -9.88 -7.85
CA LEU A 279 -0.48 -9.02 -8.24
C LEU A 279 -0.06 -7.57 -8.16
N ILE A 280 0.58 -7.07 -7.10
CA ILE A 280 1.08 -5.70 -7.09
C ILE A 280 2.02 -5.48 -8.31
N GLY A 281 2.77 -6.49 -8.73
CA GLY A 281 3.66 -6.39 -9.85
C GLY A 281 2.92 -6.22 -11.15
N GLU A 282 1.87 -7.01 -11.35
CA GLU A 282 1.00 -6.87 -12.50
C GLU A 282 0.28 -5.50 -12.60
N ALA A 283 -0.05 -5.00 -11.42
CA ALA A 283 -0.72 -3.72 -11.25
C ALA A 283 0.23 -2.66 -11.71
N VAL A 284 1.48 -2.66 -11.25
CA VAL A 284 2.44 -1.64 -11.64
C VAL A 284 2.66 -1.65 -13.16
N PHE A 285 2.88 -2.81 -13.75
CA PHE A 285 3.04 -2.88 -15.19
C PHE A 285 1.77 -2.50 -15.96
N ALA A 286 0.59 -2.55 -15.35
CA ALA A 286 -0.67 -2.22 -16.01
C ALA A 286 -0.70 -0.72 -16.19
N ARG A 287 -0.30 -0.01 -15.14
CA ARG A 287 -0.21 1.43 -15.21
C ARG A 287 0.83 1.75 -16.27
N CYS A 288 2.01 1.14 -16.35
CA CYS A 288 2.96 1.45 -17.45
C CYS A 288 2.34 1.15 -18.80
N LEU A 289 1.49 0.13 -18.91
CA LEU A 289 0.87 -0.26 -20.17
C LEU A 289 -0.08 0.85 -20.58
N SER A 290 -0.83 1.40 -19.64
CA SER A 290 -1.78 2.43 -19.98
C SER A 290 -1.08 3.72 -20.42
N SER A 291 0.17 3.95 -20.03
CA SER A 291 0.89 5.13 -20.50
C SER A 291 1.17 5.02 -21.99
N LEU A 292 1.18 3.85 -22.64
CA LEU A 292 1.47 3.81 -24.06
C LEU A 292 0.18 3.96 -24.88
N LYS A 293 -0.54 5.03 -24.55
CA LYS A 293 -1.86 5.27 -25.11
C LYS A 293 -1.77 5.42 -26.60
N ASP A 294 -0.81 6.15 -27.10
CA ASP A 294 -0.68 6.33 -28.55
C ASP A 294 -0.37 4.99 -29.21
N GLU A 295 0.40 4.17 -28.53
CA GLU A 295 0.79 2.90 -29.12
C GLU A 295 -0.44 2.03 -29.24
N ARG A 296 -1.28 2.07 -28.21
CA ARG A 296 -2.48 1.27 -28.17
C ARG A 296 -3.45 1.64 -29.27
N ILE A 297 -3.64 2.93 -29.53
CA ILE A 297 -4.49 3.40 -30.63
C ILE A 297 -3.97 2.84 -31.94
N GLN A 298 -2.66 2.88 -32.09
CA GLN A 298 -2.04 2.36 -33.30
C GLN A 298 -2.23 0.86 -33.42
N ALA A 299 -2.19 0.21 -32.28
CA ALA A 299 -2.26 -1.23 -32.16
C ALA A 299 -3.69 -1.67 -32.45
N SER A 300 -4.74 -1.04 -31.92
CA SER A 300 -6.14 -1.44 -32.15
C SER A 300 -6.59 -1.54 -33.60
N LYS A 301 -5.84 -0.83 -34.43
CA LYS A 301 -6.10 -0.76 -35.86
C LYS A 301 -5.51 -1.96 -36.57
N LYS A 302 -4.48 -2.54 -35.98
CA LYS A 302 -3.82 -3.71 -36.57
C LYS A 302 -4.07 -5.03 -35.90
N LEU A 303 -4.38 -5.05 -34.62
CA LEU A 303 -4.48 -6.30 -33.88
C LEU A 303 -5.89 -6.71 -33.58
N LYS A 304 -6.15 -7.89 -34.07
CA LYS A 304 -7.45 -8.51 -33.97
C LYS A 304 -7.70 -9.17 -32.63
N GLY A 305 -8.95 -9.30 -32.33
CA GLY A 305 -9.36 -9.94 -31.12
C GLY A 305 -9.99 -11.30 -31.42
N PRO A 306 -10.66 -11.84 -30.40
CA PRO A 306 -11.50 -13.02 -30.54
C PRO A 306 -12.70 -12.79 -31.45
N GLN A 307 -13.19 -13.86 -32.09
CA GLN A 307 -14.46 -13.88 -32.87
C GLN A 307 -15.53 -13.35 -31.89
N ASN A 308 -16.43 -12.50 -32.33
CA ASN A 308 -17.41 -11.94 -31.41
C ASN A 308 -18.50 -12.98 -31.13
N ILE A 309 -18.57 -13.44 -29.88
CA ILE A 309 -19.64 -14.32 -29.41
C ILE A 309 -20.23 -13.45 -28.31
N PRO A 310 -21.55 -13.15 -28.30
CA PRO A 310 -22.26 -12.43 -27.22
C PRO A 310 -22.14 -13.08 -25.85
N PHE A 311 -22.88 -12.63 -24.86
CA PHE A 311 -22.86 -13.31 -23.57
C PHE A 311 -24.25 -13.86 -23.51
N GLU A 312 -24.41 -15.12 -23.84
CA GLU A 312 -25.71 -15.75 -23.69
C GLU A 312 -25.56 -16.51 -22.37
N GLY A 313 -26.01 -15.81 -21.33
CA GLY A 313 -25.98 -16.29 -19.96
C GLY A 313 -26.72 -15.26 -19.13
N ASP A 314 -26.66 -15.32 -17.82
CA ASP A 314 -27.44 -14.39 -17.02
C ASP A 314 -26.59 -13.32 -16.37
N LYS A 315 -27.01 -12.11 -16.72
CA LYS A 315 -26.37 -10.87 -16.27
C LYS A 315 -26.22 -10.80 -14.76
N LYS A 316 -27.27 -11.08 -13.98
CA LYS A 316 -27.13 -11.03 -12.53
C LYS A 316 -26.31 -12.17 -11.88
N SER A 317 -26.21 -13.35 -12.51
CA SER A 317 -25.41 -14.44 -11.95
C SER A 317 -23.95 -14.14 -12.17
N PHE A 318 -23.70 -13.64 -13.38
CA PHE A 318 -22.37 -13.29 -13.77
C PHE A 318 -21.90 -12.15 -12.93
N LEU A 319 -22.77 -11.21 -12.61
CA LEU A 319 -22.43 -10.10 -11.75
C LEU A 319 -22.03 -10.61 -10.38
N GLU A 320 -22.63 -11.71 -9.96
CA GLU A 320 -22.29 -12.30 -8.70
C GLU A 320 -20.93 -12.94 -8.84
N ASP A 321 -20.70 -13.59 -9.97
CA ASP A 321 -19.43 -14.24 -10.25
C ASP A 321 -18.27 -13.27 -10.23
N ILE A 322 -18.44 -12.10 -10.85
CA ILE A 322 -17.44 -11.04 -10.84
C ILE A 322 -17.16 -10.63 -9.39
N ARG A 323 -18.17 -10.52 -8.52
CA ARG A 323 -17.95 -10.10 -7.15
C ARG A 323 -17.00 -11.09 -6.46
N LYS A 324 -17.33 -12.37 -6.60
CA LYS A 324 -16.55 -13.45 -6.02
C LYS A 324 -15.11 -13.42 -6.52
N ALA A 325 -14.93 -13.34 -7.83
CA ALA A 325 -13.62 -13.35 -8.46
C ALA A 325 -12.78 -12.20 -7.90
N LEU A 326 -13.43 -11.07 -7.65
CA LEU A 326 -12.76 -9.89 -7.11
C LEU A 326 -12.29 -10.19 -5.69
N TYR A 327 -13.22 -10.71 -4.90
CA TYR A 327 -12.97 -10.96 -3.49
C TYR A 327 -11.81 -11.93 -3.31
N ALA A 328 -11.84 -12.99 -4.08
CA ALA A 328 -10.85 -14.05 -4.05
C ALA A 328 -9.51 -13.44 -4.41
N SER A 329 -9.43 -12.73 -5.52
CA SER A 329 -8.17 -12.12 -5.92
C SER A 329 -7.69 -11.10 -4.89
N LYS A 330 -8.60 -10.41 -4.20
CA LYS A 330 -8.19 -9.49 -3.15
C LYS A 330 -7.40 -10.26 -2.08
N ILE A 331 -7.89 -11.43 -1.70
CA ILE A 331 -7.29 -12.23 -0.65
C ILE A 331 -5.87 -12.64 -1.03
N ILE A 332 -5.68 -13.07 -2.27
CA ILE A 332 -4.39 -13.49 -2.79
C ILE A 332 -3.41 -12.33 -2.69
N SER A 333 -3.82 -11.14 -3.15
CA SER A 333 -2.94 -9.98 -3.14
C SER A 333 -2.48 -9.65 -1.72
N TYR A 334 -3.37 -9.78 -0.75
CA TYR A 334 -3.01 -9.52 0.63
C TYR A 334 -2.09 -10.60 1.20
N ALA A 335 -2.32 -11.87 0.87
CA ALA A 335 -1.46 -12.94 1.36
C ALA A 335 -0.04 -12.71 0.84
N GLN A 336 0.06 -12.36 -0.45
CA GLN A 336 1.35 -12.04 -1.07
C GLN A 336 1.95 -10.83 -0.38
N GLY A 337 1.06 -9.95 0.06
CA GLY A 337 1.45 -8.76 0.80
C GLY A 337 2.11 -9.07 2.12
N PHE A 338 1.43 -9.81 2.96
CA PHE A 338 1.99 -10.16 4.23
C PHE A 338 3.17 -11.11 4.12
N MET A 339 3.33 -11.82 2.99
CA MET A 339 4.50 -12.65 2.80
C MET A 339 5.71 -11.74 2.76
N LEU A 340 5.67 -10.74 1.88
CA LEU A 340 6.76 -9.76 1.73
C LEU A 340 7.13 -9.11 3.06
N LEU A 341 6.12 -8.81 3.84
CA LEU A 341 6.31 -8.22 5.15
C LEU A 341 7.08 -9.18 6.03
N ARG A 342 6.70 -10.45 5.98
CA ARG A 342 7.39 -11.48 6.75
C ARG A 342 8.85 -11.59 6.30
N GLN A 343 9.12 -11.61 5.01
CA GLN A 343 10.47 -11.78 4.51
C GLN A 343 11.38 -10.63 4.93
N ALA A 344 10.82 -9.44 4.83
CA ALA A 344 11.48 -8.23 5.23
C ALA A 344 11.84 -8.32 6.69
N ALA A 345 10.86 -8.68 7.50
CA ALA A 345 11.04 -8.83 8.94
C ALA A 345 12.23 -9.74 9.17
N THR A 346 12.32 -10.84 8.42
CA THR A 346 13.47 -11.70 8.58
C THR A 346 14.73 -11.14 7.93
N GLU A 347 14.75 -10.35 6.87
CA GLU A 347 16.02 -9.91 6.30
C GLU A 347 16.64 -8.73 7.05
N PHE A 348 15.85 -7.96 7.78
CA PHE A 348 16.38 -6.78 8.49
C PHE A 348 16.32 -6.96 9.99
N GLY A 349 15.64 -8.00 10.42
CA GLY A 349 15.60 -8.34 11.82
C GLY A 349 14.66 -7.47 12.57
N TRP A 350 13.48 -7.23 12.04
CA TRP A 350 12.51 -6.38 12.72
C TRP A 350 11.54 -7.36 13.34
N THR A 351 10.95 -7.13 14.50
CA THR A 351 9.96 -8.06 15.01
C THR A 351 8.64 -7.39 14.63
N LEU A 352 8.11 -7.55 13.41
CA LEU A 352 6.83 -6.92 13.06
C LEU A 352 5.66 -7.62 13.73
N ASN A 353 4.63 -6.91 14.18
CA ASN A 353 3.42 -7.56 14.70
C ASN A 353 2.46 -7.37 13.55
N TYR A 354 2.11 -8.42 12.84
CA TYR A 354 1.26 -8.33 11.67
C TYR A 354 -0.19 -7.97 12.02
N GLY A 355 -0.67 -8.39 13.19
CA GLY A 355 -2.02 -8.04 13.59
C GLY A 355 -2.12 -6.54 13.84
N GLY A 356 -1.03 -5.98 14.37
CA GLY A 356 -0.93 -4.55 14.61
C GLY A 356 -1.00 -3.78 13.31
N ILE A 357 -0.14 -4.15 12.37
CA ILE A 357 -0.11 -3.57 11.04
C ILE A 357 -1.50 -3.57 10.40
N ALA A 358 -2.22 -4.66 10.51
CA ALA A 358 -3.55 -4.77 9.92
C ALA A 358 -4.52 -3.76 10.52
N LEU A 359 -4.38 -3.55 11.82
CA LEU A 359 -5.24 -2.60 12.53
C LEU A 359 -4.85 -1.21 12.04
N MET A 360 -3.55 -0.93 11.91
CA MET A 360 -3.08 0.35 11.40
C MET A 360 -3.55 0.62 9.98
N TRP A 361 -4.05 -0.38 9.25
CA TRP A 361 -4.60 -0.17 7.92
C TRP A 361 -6.12 -0.28 7.92
N ARG A 362 -6.72 -0.52 9.07
CA ARG A 362 -8.16 -0.65 9.12
C ARG A 362 -8.83 0.72 9.25
N GLY A 363 -8.05 1.75 9.57
CA GLY A 363 -8.62 3.07 9.69
C GLY A 363 -7.70 4.09 9.06
N GLY A 364 -8.26 5.26 8.74
CA GLY A 364 -7.52 6.37 8.20
C GLY A 364 -7.09 6.19 6.78
N CYS A 365 -6.36 5.12 6.50
CA CYS A 365 -5.73 4.80 5.23
C CYS A 365 -6.68 4.49 4.09
N ILE A 366 -6.16 4.61 2.88
CA ILE A 366 -6.97 4.41 1.66
C ILE A 366 -7.45 2.96 1.48
N ILE A 367 -6.69 1.95 1.93
CA ILE A 367 -7.11 0.55 1.71
C ILE A 367 -8.11 0.08 2.79
N ARG A 368 -8.56 0.94 3.68
CA ARG A 368 -9.40 0.54 4.79
C ARG A 368 -10.67 -0.12 4.29
N SER A 369 -11.01 -1.12 5.07
CA SER A 369 -12.16 -1.99 4.88
C SER A 369 -12.35 -2.85 6.14
N VAL A 370 -13.48 -3.54 6.12
CA VAL A 370 -13.90 -4.55 7.11
C VAL A 370 -12.93 -5.74 6.98
N PHE A 371 -12.59 -6.07 5.75
CA PHE A 371 -11.64 -7.12 5.39
C PHE A 371 -10.38 -7.11 6.27
N LEU A 372 -9.74 -5.95 6.51
CA LEU A 372 -8.57 -5.84 7.37
C LEU A 372 -8.91 -6.37 8.75
N GLY A 373 -10.14 -6.21 9.24
CA GLY A 373 -10.53 -6.75 10.54
C GLY A 373 -10.41 -8.27 10.61
N LYS A 374 -10.85 -8.89 9.52
CA LYS A 374 -10.80 -10.33 9.41
C LYS A 374 -9.36 -10.80 9.27
N ILE A 375 -8.47 -10.00 8.71
CA ILE A 375 -7.05 -10.33 8.68
C ILE A 375 -6.52 -10.24 10.11
N LYS A 376 -6.83 -9.17 10.84
CA LYS A 376 -6.38 -8.99 12.21
C LYS A 376 -6.67 -10.24 13.08
N ASP A 377 -7.91 -10.72 12.95
CA ASP A 377 -8.40 -11.90 13.65
C ASP A 377 -7.41 -13.06 13.49
N ALA A 378 -6.98 -13.28 12.26
CA ALA A 378 -6.04 -14.35 11.92
C ALA A 378 -4.76 -14.24 12.71
N PHE A 379 -4.14 -13.08 12.75
CA PHE A 379 -2.87 -12.97 13.43
C PHE A 379 -3.03 -12.87 14.93
N ASP A 380 -4.22 -12.66 15.49
CA ASP A 380 -4.37 -12.72 16.94
C ASP A 380 -4.45 -14.16 17.43
N ARG A 381 -5.24 -14.93 16.69
CA ARG A 381 -5.39 -16.35 16.91
C ARG A 381 -4.05 -17.01 16.70
N ASN A 382 -3.32 -16.54 15.70
CA ASN A 382 -2.02 -17.10 15.48
C ASN A 382 -1.02 -16.06 14.99
N PRO A 383 -0.28 -15.38 15.90
CA PRO A 383 0.80 -14.47 15.55
C PRO A 383 1.83 -15.19 14.67
N GLY A 384 1.91 -16.51 14.74
CA GLY A 384 2.92 -17.20 13.99
C GLY A 384 2.44 -17.66 12.64
N LEU A 385 1.22 -17.33 12.21
CA LEU A 385 0.67 -17.80 10.94
C LEU A 385 1.62 -17.47 9.79
N GLN A 386 1.90 -18.50 9.04
CA GLN A 386 2.91 -18.43 8.02
C GLN A 386 2.44 -17.78 6.73
N ASN A 387 1.19 -17.96 6.37
CA ASN A 387 0.63 -17.40 5.14
C ASN A 387 -0.84 -17.25 5.46
N LEU A 388 -1.45 -16.18 5.01
CA LEU A 388 -2.83 -15.88 5.34
C LEU A 388 -3.84 -16.87 4.75
N LEU A 389 -3.53 -17.46 3.60
CA LEU A 389 -4.36 -18.45 2.90
C LEU A 389 -4.59 -19.71 3.74
N LEU A 390 -3.67 -19.97 4.68
CA LEU A 390 -3.83 -21.12 5.54
C LEU A 390 -4.87 -20.88 6.62
N ASP A 391 -5.16 -19.63 6.94
CA ASP A 391 -6.13 -19.36 7.99
C ASP A 391 -7.47 -19.85 7.49
N ASP A 392 -8.17 -20.48 8.42
CA ASP A 392 -9.47 -21.03 8.13
C ASP A 392 -10.45 -20.08 7.45
N PHE A 393 -10.59 -18.84 7.91
CA PHE A 393 -11.52 -17.90 7.26
C PHE A 393 -11.21 -17.73 5.78
N PHE A 394 -9.94 -17.50 5.48
CA PHE A 394 -9.55 -17.26 4.11
C PHE A 394 -9.58 -18.55 3.29
N LYS A 395 -9.23 -19.72 3.81
CA LYS A 395 -9.30 -20.91 2.95
C LYS A 395 -10.76 -21.21 2.62
N SER A 396 -11.64 -21.00 3.59
CA SER A 396 -13.07 -21.17 3.37
C SER A 396 -13.59 -20.14 2.36
N ALA A 397 -13.18 -18.89 2.50
CA ALA A 397 -13.53 -17.82 1.58
C ALA A 397 -13.15 -18.14 0.14
N VAL A 398 -11.92 -18.58 -0.12
CA VAL A 398 -11.52 -18.84 -1.51
C VAL A 398 -12.16 -20.10 -2.08
N GLU A 399 -12.32 -21.22 -1.33
CA GLU A 399 -12.97 -22.37 -1.97
C GLU A 399 -14.42 -22.07 -2.28
N ASN A 400 -15.04 -21.24 -1.44
CA ASN A 400 -16.39 -20.76 -1.68
C ASN A 400 -16.44 -19.95 -2.98
N CYS A 401 -15.36 -19.26 -3.40
CA CYS A 401 -15.38 -18.49 -4.63
C CYS A 401 -14.82 -19.22 -5.85
N GLN A 402 -14.34 -20.45 -5.66
CA GLN A 402 -13.74 -21.26 -6.72
C GLN A 402 -14.42 -21.25 -8.07
N ASP A 403 -15.67 -21.71 -8.13
CA ASP A 403 -16.35 -21.88 -9.40
C ASP A 403 -16.56 -20.55 -10.13
N SER A 404 -16.95 -19.50 -9.39
CA SER A 404 -17.22 -18.18 -9.96
C SER A 404 -15.93 -17.57 -10.48
N TRP A 405 -14.87 -17.58 -9.68
CA TRP A 405 -13.58 -17.02 -10.05
C TRP A 405 -13.05 -17.65 -11.33
N ARG A 406 -13.17 -18.94 -11.48
CA ARG A 406 -12.70 -19.58 -12.71
C ARG A 406 -13.67 -19.33 -13.86
N ARG A 407 -14.97 -19.21 -13.59
CA ARG A 407 -15.96 -18.91 -14.64
C ARG A 407 -15.74 -17.52 -15.28
N ALA A 408 -15.59 -16.53 -14.39
CA ALA A 408 -15.35 -15.16 -14.78
C ALA A 408 -14.07 -15.04 -15.61
N ILE A 409 -12.95 -15.60 -15.14
CA ILE A 409 -11.67 -15.51 -15.86
C ILE A 409 -11.86 -16.11 -17.23
N SER A 410 -12.52 -17.24 -17.31
CA SER A 410 -12.68 -17.96 -18.58
C SER A 410 -13.51 -17.16 -19.59
N THR A 411 -14.61 -16.60 -19.11
CA THR A 411 -15.46 -15.82 -20.00
C THR A 411 -14.65 -14.61 -20.47
N GLY A 412 -13.92 -13.97 -19.53
CA GLY A 412 -13.10 -12.82 -19.83
C GLY A 412 -12.13 -13.15 -20.94
N VAL A 413 -11.54 -14.32 -20.79
CA VAL A 413 -10.53 -14.82 -21.70
C VAL A 413 -11.14 -15.00 -23.07
N GLN A 414 -12.36 -15.52 -23.24
CA GLN A 414 -12.93 -15.64 -24.57
C GLN A 414 -13.25 -14.29 -25.22
N ALA A 415 -13.74 -13.41 -24.38
CA ALA A 415 -14.17 -12.08 -24.82
C ALA A 415 -13.02 -11.18 -25.20
N GLY A 416 -11.80 -11.48 -24.75
CA GLY A 416 -10.68 -10.59 -25.05
C GLY A 416 -10.50 -9.48 -24.03
N ILE A 417 -11.08 -9.61 -22.83
CA ILE A 417 -10.90 -8.59 -21.80
C ILE A 417 -9.63 -8.84 -21.00
N PRO A 418 -8.70 -7.87 -21.06
CA PRO A 418 -7.47 -7.91 -20.32
C PRO A 418 -7.72 -8.03 -18.82
N MET A 419 -7.31 -9.13 -18.19
CA MET A 419 -7.43 -9.26 -16.74
C MET A 419 -6.10 -9.57 -16.01
N PRO A 420 -4.96 -8.86 -16.21
CA PRO A 420 -3.64 -9.18 -15.62
C PRO A 420 -3.63 -9.53 -14.12
N CYS A 421 -4.31 -8.79 -13.28
CA CYS A 421 -4.41 -9.14 -11.87
C CYS A 421 -5.36 -10.26 -11.52
N PHE A 422 -6.41 -10.54 -12.29
CA PHE A 422 -7.33 -11.61 -11.97
C PHE A 422 -6.59 -12.91 -12.32
N THR A 423 -5.92 -12.91 -13.45
CA THR A 423 -5.20 -14.09 -13.88
C THR A 423 -4.01 -14.41 -12.95
N THR A 424 -3.09 -13.49 -12.61
CA THR A 424 -1.98 -13.83 -11.70
C THR A 424 -2.40 -14.31 -10.34
N ALA A 425 -3.59 -13.93 -9.91
CA ALA A 425 -4.03 -14.35 -8.61
C ALA A 425 -4.50 -15.82 -8.68
N LEU A 426 -5.08 -16.20 -9.80
CA LEU A 426 -5.56 -17.55 -10.00
C LEU A 426 -4.31 -18.38 -10.28
N SER A 427 -3.34 -17.91 -11.06
CA SER A 427 -2.14 -18.68 -11.35
C SER A 427 -1.38 -18.95 -10.07
N PHE A 428 -1.18 -17.91 -9.26
CA PHE A 428 -0.54 -18.01 -7.96
C PHE A 428 -1.31 -18.97 -7.07
N TYR A 429 -2.63 -18.91 -6.98
CA TYR A 429 -3.41 -19.80 -6.11
C TYR A 429 -3.19 -21.27 -6.50
N ASP A 430 -3.24 -21.53 -7.79
CA ASP A 430 -3.04 -22.85 -8.32
C ASP A 430 -1.60 -23.30 -8.18
N GLY A 431 -0.65 -22.37 -8.26
CA GLY A 431 0.76 -22.66 -8.09
C GLY A 431 1.04 -23.06 -6.67
N TYR A 432 0.64 -22.24 -5.71
CA TYR A 432 0.91 -22.44 -4.28
C TYR A 432 0.25 -23.72 -3.72
N ARG A 433 -0.95 -24.05 -4.22
CA ARG A 433 -1.70 -25.28 -3.92
C ARG A 433 -0.95 -26.56 -4.28
N HIS A 434 -0.16 -26.57 -5.32
CA HIS A 434 0.50 -27.77 -5.80
C HIS A 434 1.77 -28.08 -5.02
N ALA A 435 1.84 -29.24 -4.37
CA ALA A 435 3.07 -29.66 -3.71
C ALA A 435 4.14 -29.98 -4.77
N MET A 436 3.85 -30.25 -6.05
CA MET A 436 4.86 -30.55 -7.06
C MET A 436 4.59 -29.68 -8.29
N LEU A 437 5.58 -28.96 -8.76
CA LEU A 437 5.48 -28.01 -9.87
C LEU A 437 6.48 -28.35 -10.97
N PRO A 438 6.31 -27.98 -12.26
CA PRO A 438 7.23 -28.31 -13.34
C PRO A 438 8.57 -27.61 -13.21
N ALA A 439 8.87 -26.99 -12.06
CA ALA A 439 10.14 -26.33 -11.80
C ALA A 439 11.25 -27.36 -11.90
N ASN A 440 10.93 -28.64 -11.69
CA ASN A 440 11.90 -29.72 -11.89
C ASN A 440 12.47 -29.67 -13.29
N LEU A 441 11.63 -29.36 -14.28
CA LEU A 441 12.10 -29.29 -15.67
C LEU A 441 13.08 -28.14 -15.84
N ILE A 442 12.85 -27.06 -15.10
CA ILE A 442 13.72 -25.91 -15.15
C ILE A 442 15.07 -26.36 -14.63
N GLN A 443 15.06 -26.98 -13.45
CA GLN A 443 16.27 -27.47 -12.84
C GLN A 443 17.01 -28.41 -13.78
N ALA A 444 16.33 -29.29 -14.48
CA ALA A 444 16.97 -30.23 -15.40
C ALA A 444 17.62 -29.51 -16.56
N GLN A 445 16.94 -28.53 -17.17
CA GLN A 445 17.58 -27.88 -18.31
C GLN A 445 18.71 -26.95 -17.93
N ARG A 446 18.64 -26.30 -16.80
CA ARG A 446 19.75 -25.48 -16.31
C ARG A 446 20.98 -26.37 -16.16
N ASP A 447 20.80 -27.55 -15.57
CA ASP A 447 21.89 -28.49 -15.43
C ASP A 447 22.38 -29.00 -16.79
N TYR A 448 21.51 -29.16 -17.76
CA TYR A 448 21.91 -29.56 -19.10
C TYR A 448 22.84 -28.54 -19.75
N PHE A 449 22.37 -27.36 -20.07
CA PHE A 449 23.25 -26.46 -20.83
C PHE A 449 24.24 -25.69 -19.95
N GLY A 450 23.98 -25.62 -18.65
CA GLY A 450 24.84 -24.80 -17.82
C GLY A 450 25.49 -25.50 -16.65
N ALA A 451 25.29 -26.79 -16.58
CA ALA A 451 25.85 -27.61 -15.52
C ALA A 451 25.58 -27.10 -14.10
N HIS A 452 24.47 -26.42 -13.84
CA HIS A 452 24.24 -25.83 -12.52
C HIS A 452 24.04 -26.75 -11.32
N THR A 453 23.76 -28.04 -11.55
CA THR A 453 23.52 -29.17 -10.61
C THR A 453 22.12 -29.18 -9.99
N TYR A 454 21.60 -30.34 -9.59
CA TYR A 454 20.22 -30.44 -9.11
C TYR A 454 20.08 -31.29 -7.85
N GLU A 455 18.93 -31.26 -7.18
CA GLU A 455 18.65 -32.07 -5.98
C GLU A 455 17.61 -33.10 -6.37
N LEU A 456 17.47 -34.16 -5.62
CA LEU A 456 16.47 -35.17 -5.88
C LEU A 456 15.41 -34.90 -4.82
N LEU A 457 14.20 -35.32 -5.13
CA LEU A 457 13.02 -35.13 -4.30
C LEU A 457 13.30 -35.68 -2.94
N ALA A 458 13.68 -36.96 -2.94
CA ALA A 458 14.12 -37.62 -1.73
C ALA A 458 15.58 -37.19 -1.72
N LYS A 459 16.23 -37.22 -0.57
CA LYS A 459 17.62 -36.77 -0.41
C LYS A 459 17.77 -35.30 -0.82
N PRO A 460 16.88 -34.44 -0.32
CA PRO A 460 16.99 -32.98 -0.52
C PRO A 460 18.31 -32.61 0.16
N GLY A 461 19.18 -31.94 -0.56
CA GLY A 461 20.45 -31.52 -0.01
C GLY A 461 21.65 -31.94 -0.83
N GLN A 462 21.76 -33.16 -1.37
CA GLN A 462 22.99 -33.51 -2.09
C GLN A 462 22.81 -33.20 -3.58
N PHE A 463 23.76 -32.51 -4.20
CA PHE A 463 23.65 -32.07 -5.58
C PHE A 463 24.38 -32.95 -6.56
N ILE A 464 23.71 -33.16 -7.69
CA ILE A 464 24.13 -34.07 -8.78
C ILE A 464 24.20 -33.30 -10.12
N HIS A 465 25.06 -33.64 -11.06
CA HIS A 465 25.04 -33.08 -12.40
C HIS A 465 25.05 -34.29 -13.29
N THR A 466 24.10 -34.40 -14.20
CA THR A 466 24.04 -35.49 -15.14
C THR A 466 24.71 -35.11 -16.47
N ASN A 467 25.44 -36.00 -17.13
CA ASN A 467 25.91 -35.76 -18.50
C ASN A 467 24.69 -36.26 -19.25
N TRP A 468 23.98 -35.30 -19.77
CA TRP A 468 22.77 -35.62 -20.50
C TRP A 468 23.13 -35.80 -21.96
N THR A 469 24.06 -34.99 -22.51
CA THR A 469 24.45 -34.90 -23.93
C THR A 469 24.09 -36.06 -24.88
N GLY A 470 24.28 -37.27 -24.38
CA GLY A 470 23.91 -38.49 -25.05
C GLY A 470 23.85 -39.51 -23.94
N HIS A 471 22.92 -40.46 -23.90
CA HIS A 471 23.01 -41.48 -22.84
C HIS A 471 23.81 -42.59 -23.52
N GLY A 472 25.05 -42.20 -23.77
CA GLY A 472 26.01 -42.94 -24.58
C GLY A 472 26.35 -42.05 -25.77
N GLY A 473 27.05 -42.63 -26.74
CA GLY A 473 27.47 -41.99 -27.98
C GLY A 473 28.81 -41.31 -27.78
S SO4 B . 0.78 7.18 -6.69
O1 SO4 B . 2.03 6.66 -6.26
O2 SO4 B . 0.94 8.46 -7.26
O3 SO4 B . 0.26 6.34 -7.67
O4 SO4 B . -0.14 7.20 -5.60
S SO4 C . -23.61 5.43 -19.74
O1 SO4 C . -23.42 6.44 -20.72
O2 SO4 C . -24.94 4.98 -19.71
O3 SO4 C . -22.75 4.34 -19.98
O4 SO4 C . -23.31 6.01 -18.48
PA NBP D . 5.54 18.44 -2.00
O1A NBP D . 6.60 17.96 -2.93
O2A NBP D . 4.70 19.59 -2.46
O5B NBP D . 6.20 18.86 -0.59
C5B NBP D . 5.88 20.15 -0.06
C4B NBP D . 6.87 20.60 1.01
O4B NBP D . 8.24 20.32 0.62
C3B NBP D . 6.75 22.09 1.24
O3B NBP D . 6.64 22.41 2.63
C2B NBP D . 8.09 22.59 0.71
O2B NBP D . 8.45 23.83 1.28
C1B NBP D . 9.02 21.45 1.05
N9A NBP D . 10.32 21.47 0.36
C8A NBP D . 10.51 21.32 -0.95
BR8 NBP D . 9.13 21.05 -2.20
N7A NBP D . 11.81 21.41 -1.26
C5A NBP D . 12.39 21.61 -0.09
C6A NBP D . 13.77 21.84 0.06
N6A NBP D . 14.59 21.83 -1.00
N1A NBP D . 14.20 22.10 1.31
C2A NBP D . 13.33 22.13 2.33
N3A NBP D . 12.00 21.91 2.17
C4A NBP D . 11.51 21.66 0.95
O3 NBP D . 4.63 17.20 -1.54
PN NBP D . 3.18 17.10 -0.86
O1N NBP D . 2.69 15.73 -1.18
O2N NBP D . 2.37 18.29 -1.27
O5D NBP D . 3.51 17.23 0.73
C5D NBP D . 4.59 16.49 1.33
C4D NBP D . 4.18 15.11 1.84
O4D NBP D . 2.79 15.06 2.27
C3D NBP D . 4.33 13.99 0.81
O3D NBP D . 5.65 13.43 0.76
C2D NBP D . 3.40 12.95 1.43
O2D NBP D . 4.02 12.29 2.56
C1D NBP D . 2.22 13.76 1.92
N1N NBP D . 1.07 13.76 0.98
C2N NBP D . 0.30 14.95 0.82
C3N NBP D . -0.95 14.94 0.22
C7N NBP D . -1.76 16.24 0.12
O7N NBP D . -1.57 17.21 0.88
N7N NBP D . -2.68 16.30 -0.83
C4N NBP D . -1.45 13.73 -0.27
C5N NBP D . -0.70 12.54 -0.17
C6N NBP D . 0.56 12.55 0.45
P2B NBP D . 8.02 25.11 0.39
O1X NBP D . 8.77 24.92 -0.88
O2X NBP D . 8.44 26.25 1.27
O3X NBP D . 6.55 25.00 0.22
P1 POP E . 0.31 8.84 -0.48
O1 POP E . 1.39 9.42 0.38
O2 POP E . 0.34 7.39 -0.13
O3 POP E . 0.56 8.82 -1.95
O POP E . -1.14 8.83 0.11
P2 POP E . -1.64 9.07 1.62
O4 POP E . -1.14 10.41 2.03
O5 POP E . -1.01 7.94 2.36
O6 POP E . -3.13 8.99 1.61
#